data_8OJ1
#
_entry.id   8OJ1
#
_cell.length_a   79.911
_cell.length_b   80.933
_cell.length_c   146.623
_cell.angle_alpha   90.000
_cell.angle_beta   90.000
_cell.angle_gamma   90.000
#
_symmetry.space_group_name_H-M   'I 21 21 21'
#
loop_
_entity.id
_entity.type
_entity.pdbx_description
1 polymer 'Auxin response factor'
2 polymer HA7
3 non-polymer 'CHLORIDE ION'
4 water water
#
loop_
_entity_poly.entity_id
_entity_poly.type
_entity_poly.pdbx_seq_one_letter_code
_entity_poly.pdbx_strand_id
1 'polypeptide(L)'
;MASRQLATSHTAASNVSVAGDDGIDAELWYACAGPQKALPPVGSVVAYLPQGHIEQVASFNNQELDAQIPRYNLPAVIPC
MLNDIQLSADPDSDEVYATLTLCPMSEQHEDSSDCAEPPPPPKRKSRSFTKTLTVSDTSTHGGFSVPRRAADDCLPKLDM
SLNPPNQELVAKDLHGNEWRFRHIFRGQPKRHLLTTGWSVFVSQKRLVAGDAVLFLRGENGQLRVGVRRAPRQQQLQPKV
LTSPTMHIGVLAAAAHAATEKSRFSLIYNPRSCPSEFVIPYSKYLKAVKSNFNVGQRFKMKFESEDPSDRRHTGTITGIC
DFDPARWPGSEWRSLQVNWDESSSSERQERVSPWEVEPGNSYSQSM
;
A
2 'polydeoxyribonucleotide'
;(DT)(DT)(DG)(DT)(DC)(DG)(DG)(DC)(DG)(DA)(DA)(DT)(DC)(DG)(DC)(DC)(DG)(DA)(DC)(DA)
(DA)
;
B
#
loop_
_chem_comp.id
_chem_comp.type
_chem_comp.name
_chem_comp.formula
CL non-polymer 'CHLORIDE ION' 'Cl -1'
DA DNA linking 2'-DEOXYADENOSINE-5'-MONOPHOSPHATE 'C10 H14 N5 O6 P'
DC DNA linking 2'-DEOXYCYTIDINE-5'-MONOPHOSPHATE 'C9 H14 N3 O7 P'
DG DNA linking 2'-DEOXYGUANOSINE-5'-MONOPHOSPHATE 'C10 H14 N5 O7 P'
DT DNA linking THYMIDINE-5'-MONOPHOSPHATE 'C10 H15 N2 O8 P'
#
# COMPACT_ATOMS: atom_id res chain seq x y z
N ASP A 25 4.05 15.23 0.08
CA ASP A 25 2.62 15.25 0.41
C ASP A 25 2.16 13.84 0.80
N ALA A 26 1.53 13.75 1.97
CA ALA A 26 1.17 12.44 2.51
C ALA A 26 0.04 11.78 1.73
N GLU A 27 -0.84 12.57 1.12
CA GLU A 27 -1.92 11.98 0.33
C GLU A 27 -1.37 11.24 -0.88
N LEU A 28 -0.35 11.79 -1.54
CA LEU A 28 0.27 11.11 -2.67
C LEU A 28 0.91 9.79 -2.23
N TRP A 29 1.55 9.78 -1.06
CA TRP A 29 2.24 8.58 -0.60
C TRP A 29 1.27 7.42 -0.42
N TYR A 30 0.09 7.69 0.15
CA TYR A 30 -0.87 6.62 0.35
C TYR A 30 -1.55 6.21 -0.95
N ALA A 31 -1.65 7.12 -1.91
CA ALA A 31 -2.19 6.78 -3.22
C ALA A 31 -1.30 5.76 -3.92
N CYS A 32 0.02 6.02 -3.94
CA CYS A 32 0.96 5.09 -4.55
C CYS A 32 1.08 3.79 -3.78
N ALA A 33 0.72 3.80 -2.49
CA ALA A 33 0.78 2.58 -1.69
C ALA A 33 -0.41 1.66 -1.96
N GLY A 34 -1.61 2.21 -1.95
CA GLY A 34 -2.82 1.44 -2.14
C GLY A 34 -4.02 2.11 -1.50
N PRO A 35 -5.21 1.89 -2.08
CA PRO A 35 -6.40 2.55 -1.52
C PRO A 35 -6.74 2.11 -0.11
N GLN A 36 -6.56 0.83 0.22
CA GLN A 36 -6.89 0.31 1.54
C GLN A 36 -5.75 0.44 2.54
N LYS A 37 -4.88 1.44 2.38
CA LYS A 37 -3.73 1.62 3.24
C LYS A 37 -3.87 2.91 4.04
N ALA A 38 -3.69 2.80 5.36
CA ALA A 38 -3.77 3.96 6.24
C ALA A 38 -3.13 3.56 7.56
N LEU A 39 -1.94 4.09 7.83
CA LEU A 39 -1.18 3.69 9.00
C LEU A 39 -1.82 4.26 10.28
N PRO A 40 -1.63 3.60 11.41
CA PRO A 40 -2.14 4.11 12.68
C PRO A 40 -1.52 5.46 13.01
N PRO A 41 -2.17 6.27 13.83
CA PRO A 41 -1.64 7.60 14.14
C PRO A 41 -0.48 7.54 15.12
N VAL A 42 0.46 8.47 14.95
CA VAL A 42 1.61 8.55 15.84
C VAL A 42 1.15 8.97 17.23
N GLY A 43 1.68 8.29 18.25
CA GLY A 43 1.24 8.48 19.61
C GLY A 43 0.18 7.53 20.07
N SER A 44 -0.32 6.67 19.19
CA SER A 44 -1.33 5.68 19.52
C SER A 44 -0.68 4.32 19.79
N VAL A 45 -1.41 3.48 20.51
CA VAL A 45 -0.93 2.13 20.82
C VAL A 45 -1.26 1.22 19.66
N VAL A 46 -0.27 0.45 19.20
CA VAL A 46 -0.42 -0.43 18.06
C VAL A 46 -0.05 -1.85 18.46
N ALA A 47 -0.56 -2.81 17.69
CA ALA A 47 -0.24 -4.22 17.86
C ALA A 47 0.80 -4.60 16.81
N TYR A 48 2.01 -4.92 17.27
CA TYR A 48 3.09 -5.35 16.39
C TYR A 48 3.03 -6.86 16.24
N LEU A 49 2.91 -7.34 15.01
CA LEU A 49 2.78 -8.77 14.75
C LEU A 49 4.01 -9.25 13.99
N PRO A 50 4.97 -9.89 14.66
CA PRO A 50 6.24 -10.23 14.00
C PRO A 50 6.09 -11.22 12.85
N GLN A 51 5.08 -12.09 12.89
CA GLN A 51 4.84 -13.01 11.78
C GLN A 51 4.64 -12.25 10.48
N GLY A 52 3.92 -11.13 10.54
CA GLY A 52 3.69 -10.34 9.34
C GLY A 52 4.91 -9.55 8.90
N HIS A 53 5.74 -9.13 9.86
CA HIS A 53 6.98 -8.46 9.50
C HIS A 53 7.92 -9.39 8.75
N ILE A 54 8.04 -10.64 9.21
CA ILE A 54 8.87 -11.62 8.52
C ILE A 54 8.30 -11.91 7.14
N GLU A 55 6.97 -12.02 7.05
CA GLU A 55 6.33 -12.28 5.76
C GLU A 55 6.69 -11.20 4.74
N GLN A 56 6.80 -9.95 5.18
CA GLN A 56 7.18 -8.87 4.28
C GLN A 56 8.62 -9.06 3.79
N VAL A 57 9.56 -9.24 4.71
CA VAL A 57 10.96 -9.37 4.32
C VAL A 57 11.25 -10.69 3.63
N ALA A 58 10.44 -11.72 3.87
CA ALA A 58 10.59 -12.99 3.16
C ALA A 58 10.04 -12.93 1.74
N SER A 59 9.22 -11.92 1.43
CA SER A 59 8.76 -11.70 0.06
C SER A 59 9.84 -11.12 -0.84
N PHE A 60 10.94 -10.64 -0.26
CA PHE A 60 12.07 -10.13 -1.04
C PHE A 60 13.11 -11.20 -1.35
N ASN A 61 12.86 -12.46 -0.96
CA ASN A 61 13.82 -13.53 -1.18
C ASN A 61 13.06 -14.85 -1.25
N ASN A 62 13.81 -15.95 -1.15
CA ASN A 62 13.23 -17.28 -1.24
C ASN A 62 13.90 -18.25 -0.27
N GLN A 68 16.29 -24.38 11.80
CA GLN A 68 16.81 -23.42 10.84
C GLN A 68 17.42 -22.21 11.55
N ILE A 69 16.57 -21.29 11.97
CA ILE A 69 17.02 -20.10 12.67
C ILE A 69 16.96 -20.37 14.18
N PRO A 70 17.70 -19.63 15.01
CA PRO A 70 17.56 -19.79 16.46
C PRO A 70 16.17 -19.38 16.91
N ARG A 71 15.53 -20.24 17.70
CA ARG A 71 14.19 -19.95 18.19
C ARG A 71 14.24 -18.89 19.27
N TYR A 72 13.42 -17.85 19.12
CA TYR A 72 13.31 -16.78 20.09
C TYR A 72 11.98 -16.87 20.82
N ASN A 73 12.02 -16.62 22.14
CA ASN A 73 10.80 -16.54 22.94
C ASN A 73 10.16 -15.19 22.68
N LEU A 74 9.50 -15.09 21.53
CA LEU A 74 8.91 -13.85 21.06
C LEU A 74 7.40 -13.98 20.96
N PRO A 75 6.62 -13.12 21.61
CA PRO A 75 5.17 -13.25 21.56
C PRO A 75 4.61 -12.89 20.19
N ALA A 76 3.50 -13.54 19.85
CA ALA A 76 2.88 -13.37 18.54
C ALA A 76 2.31 -11.98 18.33
N VAL A 77 2.12 -11.21 19.40
CA VAL A 77 1.70 -9.82 19.31
C VAL A 77 2.47 -9.04 20.36
N ILE A 78 2.85 -7.81 20.00
CA ILE A 78 3.60 -6.95 20.92
C ILE A 78 2.96 -5.56 20.91
N PRO A 79 2.19 -5.20 21.94
CA PRO A 79 1.68 -3.83 22.01
C PRO A 79 2.82 -2.84 22.12
N CYS A 80 2.76 -1.79 21.29
CA CYS A 80 3.82 -0.81 21.22
C CYS A 80 3.22 0.58 21.11
N MET A 81 3.97 1.57 21.60
CA MET A 81 3.68 2.95 21.29
C MET A 81 4.29 3.30 19.94
N LEU A 82 3.49 3.90 19.06
CA LEU A 82 3.96 4.33 17.75
C LEU A 82 4.65 5.67 17.93
N ASN A 83 5.99 5.65 18.05
CA ASN A 83 6.72 6.86 18.39
C ASN A 83 6.84 7.82 17.20
N ASP A 84 7.05 7.29 15.99
CA ASP A 84 7.27 8.15 14.85
C ASP A 84 6.99 7.39 13.56
N ILE A 85 6.63 8.15 12.52
CA ILE A 85 6.46 7.63 11.16
C ILE A 85 7.21 8.55 10.21
N GLN A 86 7.91 7.95 9.25
CA GLN A 86 8.64 8.71 8.23
C GLN A 86 8.29 8.12 6.87
N LEU A 87 7.40 8.78 6.13
CA LEU A 87 7.07 8.37 4.78
C LEU A 87 8.20 8.74 3.82
N SER A 88 8.54 7.83 2.92
CA SER A 88 9.67 8.04 2.04
C SER A 88 9.38 7.42 0.68
N ALA A 89 10.19 7.81 -0.31
CA ALA A 89 10.03 7.31 -1.67
C ALA A 89 11.39 7.24 -2.35
N ASP A 90 11.64 6.14 -3.04
CA ASP A 90 12.87 5.98 -3.80
C ASP A 90 12.89 7.00 -4.93
N PRO A 91 13.97 7.81 -5.07
CA PRO A 91 14.00 8.78 -6.16
C PRO A 91 13.98 8.15 -7.55
N ASP A 92 14.85 7.17 -7.81
CA ASP A 92 14.95 6.60 -9.14
C ASP A 92 13.85 5.58 -9.41
N SER A 93 13.60 4.69 -8.45
CA SER A 93 12.68 3.59 -8.66
C SER A 93 11.23 3.95 -8.37
N ASP A 94 10.99 4.94 -7.50
CA ASP A 94 9.68 5.50 -7.13
C ASP A 94 8.88 4.62 -6.18
N GLU A 95 9.45 3.52 -5.68
CA GLU A 95 8.74 2.72 -4.69
C GLU A 95 8.65 3.48 -3.36
N VAL A 96 7.51 3.33 -2.70
CA VAL A 96 7.25 4.04 -1.45
C VAL A 96 7.46 3.08 -0.29
N TYR A 97 7.95 3.64 0.82
CA TYR A 97 8.17 2.89 2.05
C TYR A 97 8.15 3.87 3.21
N ALA A 98 7.92 3.33 4.40
CA ALA A 98 7.84 4.14 5.62
C ALA A 98 8.71 3.52 6.69
N THR A 99 9.34 4.38 7.49
CA THR A 99 10.12 3.95 8.65
C THR A 99 9.33 4.26 9.90
N LEU A 100 9.01 3.22 10.67
CA LEU A 100 8.22 3.34 11.88
C LEU A 100 9.10 3.11 13.10
N THR A 101 8.84 3.87 14.16
CA THR A 101 9.55 3.72 15.42
C THR A 101 8.55 3.27 16.48
N LEU A 102 8.75 2.07 17.01
CA LEU A 102 7.87 1.49 18.01
C LEU A 102 8.63 1.28 19.32
N CYS A 103 7.89 1.34 20.43
CA CYS A 103 8.44 1.04 21.75
C CYS A 103 7.48 0.09 22.46
N PRO A 104 7.88 -1.15 22.72
CA PRO A 104 6.99 -2.08 23.43
C PRO A 104 6.67 -1.57 24.83
N MET A 105 5.47 -1.95 25.30
CA MET A 105 4.91 -1.45 26.54
C MET A 105 4.82 -2.56 27.57
N SER A 106 4.29 -2.20 28.74
CA SER A 106 4.13 -3.14 29.84
C SER A 106 2.73 -3.76 29.83
N LYS A 125 -9.80 11.84 0.36
CA LYS A 125 -10.33 13.15 0.66
C LYS A 125 -10.35 14.04 -0.57
N SER A 126 -9.28 13.98 -1.36
CA SER A 126 -9.15 14.78 -2.57
C SER A 126 -9.59 13.99 -3.80
N ARG A 127 -9.89 14.72 -4.86
CA ARG A 127 -10.27 14.10 -6.11
C ARG A 127 -9.09 13.33 -6.70
N SER A 128 -9.35 12.11 -7.15
CA SER A 128 -8.29 11.22 -7.59
C SER A 128 -8.80 10.30 -8.68
N PHE A 129 -7.86 9.77 -9.47
CA PHE A 129 -8.18 8.76 -10.47
C PHE A 129 -6.91 8.01 -10.83
N THR A 130 -7.08 6.75 -11.22
CA THR A 130 -5.99 5.87 -11.58
C THR A 130 -6.36 5.11 -12.85
N LYS A 131 -5.41 5.02 -13.77
CA LYS A 131 -5.60 4.26 -15.00
C LYS A 131 -4.41 3.35 -15.24
N THR A 132 -4.69 2.07 -15.50
CA THR A 132 -3.66 1.16 -15.96
C THR A 132 -3.23 1.55 -17.36
N LEU A 133 -1.94 1.81 -17.55
CA LEU A 133 -1.46 2.32 -18.83
C LEU A 133 -1.52 1.24 -19.90
N THR A 134 -2.05 1.61 -21.06
CA THR A 134 -2.14 0.71 -22.20
C THR A 134 -0.84 0.74 -22.99
N VAL A 135 -0.81 0.00 -24.11
CA VAL A 135 0.37 0.00 -24.96
C VAL A 135 0.54 1.36 -25.64
N SER A 136 -0.56 1.93 -26.14
CA SER A 136 -0.48 3.23 -26.80
C SER A 136 -0.06 4.33 -25.82
N ASP A 137 -0.47 4.23 -24.55
CA ASP A 137 -0.08 5.22 -23.57
C ASP A 137 1.43 5.26 -23.37
N THR A 138 2.07 4.09 -23.31
CA THR A 138 3.51 4.01 -23.11
C THR A 138 4.29 4.03 -24.41
N SER A 139 3.64 3.78 -25.55
CA SER A 139 4.35 3.77 -26.82
C SER A 139 4.82 5.17 -27.17
N THR A 140 6.01 5.25 -27.78
CA THR A 140 6.54 6.52 -28.27
C THR A 140 5.68 7.12 -29.37
N HIS A 141 4.74 6.34 -29.92
CA HIS A 141 3.89 6.78 -31.02
C HIS A 141 3.01 7.95 -30.63
N GLY A 142 2.02 7.70 -29.76
CA GLY A 142 1.03 8.69 -29.42
C GLY A 142 1.22 9.26 -28.03
N GLY A 143 0.12 9.77 -27.47
CA GLY A 143 0.14 10.34 -26.14
C GLY A 143 -0.59 9.49 -25.13
N PHE A 144 -1.38 10.13 -24.27
CA PHE A 144 -2.09 9.47 -23.18
C PHE A 144 -3.58 9.73 -23.30
N SER A 145 -4.38 8.68 -23.15
CA SER A 145 -5.83 8.80 -23.18
C SER A 145 -6.34 8.97 -21.76
N VAL A 146 -6.95 10.12 -21.49
CA VAL A 146 -7.50 10.44 -20.18
C VAL A 146 -8.94 9.94 -20.13
N PRO A 147 -9.29 9.10 -19.16
CA PRO A 147 -10.70 8.67 -19.05
C PRO A 147 -11.62 9.87 -18.87
N ARG A 148 -12.74 9.85 -19.60
CA ARG A 148 -13.66 10.99 -19.60
C ARG A 148 -14.12 11.34 -18.19
N ARG A 149 -14.39 10.31 -17.36
CA ARG A 149 -14.80 10.56 -15.99
C ARG A 149 -13.70 11.26 -15.19
N ALA A 150 -12.44 10.94 -15.49
CA ALA A 150 -11.33 11.54 -14.75
C ALA A 150 -11.18 13.02 -15.06
N ALA A 151 -11.27 13.39 -16.34
CA ALA A 151 -11.11 14.80 -16.72
C ALA A 151 -12.20 15.67 -16.09
N ASP A 152 -13.41 15.12 -15.92
CA ASP A 152 -14.50 15.92 -15.36
C ASP A 152 -14.44 15.96 -13.84
N ASP A 153 -14.08 14.86 -13.19
CA ASP A 153 -14.14 14.75 -11.75
C ASP A 153 -12.79 15.03 -11.07
N CYS A 154 -11.70 15.14 -11.83
CA CYS A 154 -10.39 15.31 -11.22
C CYS A 154 -9.63 16.48 -11.82
N LEU A 155 -9.39 16.43 -13.13
CA LEU A 155 -8.65 17.49 -13.79
C LEU A 155 -9.47 18.79 -13.79
N PRO A 156 -8.80 19.94 -13.83
CA PRO A 156 -9.53 21.22 -13.89
C PRO A 156 -10.35 21.32 -15.15
N LYS A 157 -11.46 22.06 -15.06
CA LYS A 157 -12.39 22.17 -16.17
C LYS A 157 -11.79 23.01 -17.30
N LEU A 158 -11.83 22.47 -18.50
CA LEU A 158 -11.35 23.20 -19.67
C LEU A 158 -12.37 24.24 -20.11
N ASP A 159 -11.90 25.25 -20.83
CA ASP A 159 -12.76 26.28 -21.39
C ASP A 159 -13.30 25.74 -22.72
N MET A 160 -14.51 25.18 -22.69
CA MET A 160 -15.08 24.58 -23.89
C MET A 160 -15.35 25.60 -24.99
N SER A 161 -15.36 26.89 -24.65
CA SER A 161 -15.49 27.93 -25.67
C SER A 161 -14.26 28.02 -26.55
N LEU A 162 -13.16 27.38 -26.18
CA LEU A 162 -11.95 27.34 -26.99
C LEU A 162 -12.08 26.26 -28.06
N ASN A 163 -11.23 26.37 -29.08
CA ASN A 163 -11.24 25.43 -30.21
C ASN A 163 -9.80 25.20 -30.66
N PRO A 164 -9.17 24.09 -30.20
CA PRO A 164 -9.76 23.14 -29.25
C PRO A 164 -9.50 23.55 -27.81
N PRO A 165 -10.34 23.09 -26.88
CA PRO A 165 -10.07 23.36 -25.46
C PRO A 165 -8.75 22.74 -25.05
N ASN A 166 -7.93 23.53 -24.35
CA ASN A 166 -6.62 23.04 -23.94
C ASN A 166 -6.10 23.87 -22.78
N GLN A 167 -5.18 23.26 -22.02
CA GLN A 167 -4.48 23.91 -20.93
C GLN A 167 -3.20 23.14 -20.68
N GLU A 168 -2.20 23.82 -20.13
CA GLU A 168 -0.92 23.19 -19.81
C GLU A 168 -0.90 22.92 -18.31
N LEU A 169 -1.09 21.65 -17.95
CA LEU A 169 -1.10 21.25 -16.55
C LEU A 169 0.32 21.15 -16.01
N VAL A 170 0.45 21.40 -14.71
CA VAL A 170 1.72 21.28 -14.00
C VAL A 170 1.47 20.45 -12.74
N ALA A 171 2.14 19.31 -12.64
CA ALA A 171 1.96 18.40 -11.52
C ALA A 171 3.30 18.10 -10.87
N LYS A 172 3.29 17.98 -9.54
CA LYS A 172 4.47 17.63 -8.77
C LYS A 172 4.42 16.16 -8.39
N ASP A 173 5.58 15.50 -8.43
CA ASP A 173 5.66 14.10 -8.06
C ASP A 173 6.03 13.98 -6.58
N LEU A 174 6.40 12.77 -6.15
CA LEU A 174 6.68 12.53 -4.74
C LEU A 174 7.91 13.28 -4.24
N HIS A 175 8.79 13.72 -5.14
CA HIS A 175 10.03 14.39 -4.76
C HIS A 175 10.01 15.88 -5.10
N GLY A 176 8.83 16.44 -5.37
CA GLY A 176 8.70 17.85 -5.67
C GLY A 176 9.04 18.26 -7.08
N ASN A 177 9.43 17.32 -7.93
CA ASN A 177 9.74 17.65 -9.32
C ASN A 177 8.45 17.99 -10.08
N GLU A 178 8.51 19.04 -10.89
CA GLU A 178 7.36 19.48 -11.68
C GLU A 178 7.32 18.74 -13.01
N TRP A 179 6.11 18.43 -13.46
CA TRP A 179 5.88 17.79 -14.75
C TRP A 179 4.81 18.57 -15.50
N ARG A 180 5.13 19.00 -16.71
CA ARG A 180 4.22 19.80 -17.51
C ARG A 180 3.58 18.94 -18.58
N PHE A 181 2.25 18.91 -18.62
CA PHE A 181 1.49 18.16 -19.60
C PHE A 181 0.53 19.10 -20.31
N ARG A 182 0.44 18.98 -21.63
CA ARG A 182 -0.60 19.66 -22.39
C ARG A 182 -1.86 18.78 -22.38
N HIS A 183 -2.96 19.35 -21.89
CA HIS A 183 -4.23 18.66 -21.80
C HIS A 183 -5.14 19.21 -22.90
N ILE A 184 -5.40 18.39 -23.93
CA ILE A 184 -6.17 18.83 -25.08
C ILE A 184 -7.42 17.98 -25.19
N PHE A 185 -8.49 18.60 -25.70
CA PHE A 185 -9.77 17.94 -25.93
C PHE A 185 -10.02 17.96 -27.43
N ARG A 186 -9.73 16.85 -28.10
CA ARG A 186 -9.84 16.78 -29.56
C ARG A 186 -10.27 15.36 -29.93
N GLY A 187 -10.08 15.01 -31.20
CA GLY A 187 -10.44 13.69 -31.69
C GLY A 187 -11.84 13.64 -32.26
N GLN A 188 -12.14 12.53 -32.93
CA GLN A 188 -13.46 12.30 -33.52
C GLN A 188 -13.75 10.81 -33.43
N PRO A 189 -14.55 10.36 -32.45
CA PRO A 189 -15.23 11.13 -31.37
C PRO A 189 -14.27 11.83 -30.42
N LYS A 190 -14.73 12.96 -29.85
CA LYS A 190 -13.86 13.80 -29.05
C LYS A 190 -13.47 13.10 -27.75
N ARG A 191 -12.32 13.50 -27.20
CA ARG A 191 -11.75 12.82 -26.04
C ARG A 191 -10.76 13.74 -25.36
N HIS A 192 -10.42 13.41 -24.12
CA HIS A 192 -9.40 14.12 -23.37
C HIS A 192 -8.07 13.40 -23.52
N LEU A 193 -7.06 14.13 -23.98
CA LEU A 193 -5.73 13.56 -24.20
C LEU A 193 -4.69 14.40 -23.49
N LEU A 194 -3.58 13.76 -23.14
CA LEU A 194 -2.35 14.44 -22.72
C LEU A 194 -1.32 14.24 -23.82
N THR A 195 -0.87 15.35 -24.42
CA THR A 195 0.06 15.27 -25.54
C THR A 195 1.43 15.75 -25.06
N THR A 196 1.73 17.05 -25.14
CA THR A 196 3.07 17.53 -24.87
C THR A 196 3.48 17.27 -23.43
N GLY A 197 4.62 16.61 -23.25
CA GLY A 197 5.15 16.30 -21.95
C GLY A 197 4.87 14.90 -21.45
N TRP A 198 4.03 14.13 -22.15
CA TRP A 198 3.68 12.81 -21.67
C TRP A 198 4.77 11.78 -21.98
N SER A 199 5.23 11.74 -23.23
CA SER A 199 6.24 10.74 -23.60
C SER A 199 7.54 10.95 -22.84
N VAL A 200 7.89 12.21 -22.54
CA VAL A 200 9.04 12.47 -21.69
C VAL A 200 8.82 11.88 -20.30
N PHE A 201 7.61 12.05 -19.75
CA PHE A 201 7.26 11.45 -18.47
C PHE A 201 7.39 9.93 -18.51
N VAL A 202 7.09 9.32 -19.67
CA VAL A 202 7.18 7.87 -19.78
C VAL A 202 8.64 7.42 -19.77
N SER A 203 9.51 8.12 -20.51
CA SER A 203 10.90 7.69 -20.61
C SER A 203 11.66 7.95 -19.31
N GLN A 204 11.46 9.11 -18.70
CA GLN A 204 12.20 9.45 -17.49
C GLN A 204 11.84 8.52 -16.34
N LYS A 205 10.55 8.19 -16.20
CA LYS A 205 10.10 7.27 -15.16
C LYS A 205 10.08 5.81 -15.62
N ARG A 206 10.56 5.53 -16.84
CA ARG A 206 10.64 4.17 -17.38
C ARG A 206 9.34 3.40 -17.20
N LEU A 207 8.25 4.01 -17.66
CA LEU A 207 6.93 3.37 -17.54
C LEU A 207 6.70 2.40 -18.69
N VAL A 208 6.07 1.27 -18.37
CA VAL A 208 5.71 0.27 -19.37
C VAL A 208 4.23 -0.03 -19.24
N ALA A 209 3.67 -0.66 -20.27
CA ALA A 209 2.27 -1.04 -20.25
C ALA A 209 2.01 -2.02 -19.11
N GLY A 210 0.84 -1.91 -18.50
CA GLY A 210 0.50 -2.63 -17.30
C GLY A 210 0.73 -1.83 -16.03
N ASP A 211 1.67 -0.90 -16.05
CA ASP A 211 1.82 0.05 -14.95
C ASP A 211 0.63 1.01 -14.93
N ALA A 212 0.55 1.79 -13.86
CA ALA A 212 -0.57 2.71 -13.67
C ALA A 212 -0.05 4.09 -13.29
N VAL A 213 -0.77 5.11 -13.76
CA VAL A 213 -0.47 6.50 -13.42
C VAL A 213 -1.57 7.01 -12.52
N LEU A 214 -1.21 7.90 -11.59
CA LEU A 214 -2.14 8.45 -10.64
C LEU A 214 -2.12 9.97 -10.71
N PHE A 215 -3.25 10.58 -10.41
CA PHE A 215 -3.37 12.04 -10.36
C PHE A 215 -4.25 12.42 -9.18
N LEU A 216 -3.81 13.44 -8.45
CA LEU A 216 -4.52 13.93 -7.27
C LEU A 216 -4.71 15.44 -7.37
N ARG A 217 -5.92 15.90 -7.09
CA ARG A 217 -6.23 17.33 -7.06
C ARG A 217 -6.85 17.66 -5.71
N GLY A 218 -6.10 18.37 -4.88
CA GLY A 218 -6.62 18.83 -3.60
C GLY A 218 -7.45 20.09 -3.78
N GLU A 219 -7.66 20.79 -2.67
CA GLU A 219 -8.36 22.06 -2.73
C GLU A 219 -7.55 23.12 -3.48
N ASN A 220 -6.23 23.01 -3.43
CA ASN A 220 -5.38 23.93 -4.17
C ASN A 220 -5.41 23.59 -5.66
N GLY A 221 -5.00 24.56 -6.48
CA GLY A 221 -4.90 24.33 -7.91
C GLY A 221 -3.77 23.41 -8.31
N GLN A 222 -2.83 23.15 -7.41
CA GLN A 222 -1.68 22.32 -7.74
C GLN A 222 -2.09 20.85 -7.87
N LEU A 223 -1.54 20.20 -8.89
CA LEU A 223 -1.80 18.80 -9.17
C LEU A 223 -0.63 17.94 -8.72
N ARG A 224 -0.92 16.68 -8.39
CA ARG A 224 0.10 15.72 -8.00
C ARG A 224 -0.02 14.47 -8.87
N VAL A 225 1.11 13.89 -9.23
CA VAL A 225 1.17 12.72 -10.10
C VAL A 225 1.94 11.62 -9.39
N GLY A 226 1.51 10.37 -9.57
CA GLY A 226 2.17 9.24 -8.96
C GLY A 226 2.25 8.07 -9.93
N VAL A 227 3.01 7.06 -9.51
CA VAL A 227 3.26 5.87 -10.32
C VAL A 227 3.10 4.64 -9.46
N ARG A 228 2.33 3.67 -9.93
CA ARG A 228 2.15 2.37 -9.27
C ARG A 228 2.57 1.30 -10.27
N ARG A 229 3.80 0.79 -10.12
CA ARG A 229 4.36 -0.14 -11.08
C ARG A 229 3.77 -1.53 -10.90
N ALA A 230 3.74 -2.28 -12.00
CA ALA A 230 3.24 -3.65 -11.98
C ALA A 230 4.12 -4.51 -11.09
N PRO A 231 3.57 -5.61 -10.56
CA PRO A 231 4.36 -6.49 -9.68
C PRO A 231 5.67 -6.93 -10.35
N ARG A 232 6.75 -6.82 -9.58
CA ARG A 232 8.08 -7.18 -10.07
C ARG A 232 8.43 -8.61 -9.68
N PRO A 238 17.88 -9.97 -2.43
CA PRO A 238 18.88 -9.81 -1.38
C PRO A 238 20.18 -9.18 -1.90
N LYS A 239 20.42 -7.92 -1.53
CA LYS A 239 21.59 -7.19 -1.98
C LYS A 239 22.59 -6.89 -0.88
N VAL A 240 22.16 -6.73 0.36
CA VAL A 240 23.03 -6.34 1.46
C VAL A 240 23.17 -7.44 2.50
N LEU A 241 22.10 -8.20 2.74
CA LEU A 241 22.14 -9.29 3.70
C LEU A 241 21.42 -10.50 3.13
N THR A 242 21.85 -11.69 3.55
CA THR A 242 21.12 -12.89 3.21
C THR A 242 19.82 -12.96 4.00
N SER A 243 18.89 -13.77 3.51
CA SER A 243 17.57 -13.84 4.14
C SER A 243 17.61 -14.37 5.57
N PRO A 244 18.39 -15.41 5.92
CA PRO A 244 18.44 -15.81 7.34
C PRO A 244 18.97 -14.72 8.25
N THR A 245 19.94 -13.94 7.79
CA THR A 245 20.44 -12.83 8.59
C THR A 245 19.41 -11.71 8.70
N MET A 246 18.63 -11.49 7.63
CA MET A 246 17.48 -10.60 7.73
C MET A 246 16.45 -11.14 8.71
N HIS A 247 16.08 -12.41 8.53
CA HIS A 247 15.15 -13.07 9.44
C HIS A 247 15.60 -12.96 10.89
N ILE A 248 16.87 -13.29 11.15
CA ILE A 248 17.40 -13.22 12.51
C ILE A 248 17.39 -11.79 13.03
N GLY A 249 17.71 -10.84 12.16
CA GLY A 249 17.76 -9.44 12.59
C GLY A 249 16.42 -8.92 13.06
N VAL A 250 15.34 -9.33 12.39
CA VAL A 250 14.00 -8.89 12.79
C VAL A 250 13.66 -9.44 14.16
N LEU A 251 13.96 -10.73 14.39
CA LEU A 251 13.62 -11.35 15.67
C LEU A 251 14.42 -10.76 16.81
N ALA A 252 15.74 -10.65 16.64
CA ALA A 252 16.61 -10.19 17.73
C ALA A 252 16.30 -8.75 18.12
N ALA A 253 16.08 -7.89 17.12
CA ALA A 253 15.74 -6.50 17.42
C ALA A 253 14.42 -6.41 18.18
N ALA A 254 13.41 -7.16 17.72
CA ALA A 254 12.13 -7.17 18.41
C ALA A 254 12.27 -7.77 19.81
N ALA A 255 13.08 -8.82 19.95
CA ALA A 255 13.27 -9.44 21.26
C ALA A 255 13.98 -8.50 22.22
N HIS A 256 15.03 -7.83 21.75
CA HIS A 256 15.74 -6.87 22.60
C HIS A 256 14.83 -5.72 23.01
N ALA A 257 14.01 -5.24 22.08
CA ALA A 257 13.09 -4.14 22.39
C ALA A 257 11.97 -4.60 23.31
N ALA A 258 11.56 -5.87 23.22
CA ALA A 258 10.46 -6.35 24.05
C ALA A 258 10.90 -6.55 25.49
N THR A 259 12.07 -7.13 25.71
CA THR A 259 12.53 -7.38 27.07
C THR A 259 13.04 -6.11 27.75
N GLU A 260 13.63 -5.19 27.01
CA GLU A 260 14.17 -3.97 27.58
C GLU A 260 13.19 -2.81 27.56
N LYS A 261 12.05 -2.95 26.89
CA LYS A 261 11.08 -1.87 26.73
C LYS A 261 11.70 -0.63 26.08
N SER A 262 12.70 -0.85 25.23
CA SER A 262 13.33 0.21 24.46
C SER A 262 12.71 0.28 23.07
N ARG A 263 12.84 1.43 22.43
CA ARG A 263 12.22 1.64 21.12
C ARG A 263 13.14 1.14 20.02
N PHE A 264 12.52 0.57 18.98
CA PHE A 264 13.23 0.08 17.81
C PHE A 264 12.56 0.58 16.54
N SER A 265 12.99 0.13 15.38
CA SER A 265 12.52 0.68 14.12
C SER A 265 12.38 -0.41 13.07
N LEU A 266 11.47 -0.18 12.13
CA LEU A 266 11.24 -1.12 11.03
C LEU A 266 10.81 -0.34 9.80
N ILE A 267 10.85 -1.02 8.65
CA ILE A 267 10.45 -0.46 7.37
C ILE A 267 9.14 -1.11 6.95
N TYR A 268 8.17 -0.28 6.56
CA TYR A 268 6.91 -0.75 5.99
C TYR A 268 6.99 -0.61 4.48
N ASN A 269 6.85 -1.74 3.77
CA ASN A 269 6.84 -1.76 2.31
C ASN A 269 5.43 -2.10 1.85
N PRO A 270 4.58 -1.10 1.58
CA PRO A 270 3.16 -1.40 1.32
C PRO A 270 2.92 -2.33 0.14
N ARG A 271 3.55 -2.07 -1.00
CA ARG A 271 3.33 -2.88 -2.19
C ARG A 271 4.07 -4.21 -2.14
N SER A 272 4.83 -4.48 -1.08
CA SER A 272 5.48 -5.78 -0.89
C SER A 272 5.05 -6.45 0.41
N CYS A 273 3.99 -5.95 1.06
CA CYS A 273 3.52 -6.49 2.32
C CYS A 273 2.15 -7.11 2.12
N PRO A 274 2.01 -8.44 2.24
CA PRO A 274 0.69 -9.04 1.98
C PRO A 274 -0.36 -8.65 3.00
N SER A 275 -0.02 -8.64 4.29
CA SER A 275 -0.94 -8.28 5.35
C SER A 275 -0.26 -7.32 6.31
N GLU A 276 -0.95 -6.23 6.63
CA GLU A 276 -0.43 -5.25 7.57
C GLU A 276 -0.09 -5.91 8.90
N PHE A 277 1.08 -5.56 9.45
CA PHE A 277 1.54 -6.13 10.72
C PHE A 277 1.74 -5.07 11.80
N VAL A 278 1.32 -3.84 11.55
CA VAL A 278 1.27 -2.78 12.57
C VAL A 278 -0.14 -2.21 12.49
N ILE A 279 -1.04 -2.72 13.32
CA ILE A 279 -2.45 -2.34 13.28
C ILE A 279 -2.81 -1.73 14.63
N PRO A 280 -3.89 -0.95 14.69
CA PRO A 280 -4.33 -0.42 15.98
C PRO A 280 -4.58 -1.52 16.99
N TYR A 281 -4.09 -1.31 18.21
CA TYR A 281 -4.25 -2.32 19.25
C TYR A 281 -5.71 -2.56 19.59
N SER A 282 -6.54 -1.51 19.53
CA SER A 282 -7.96 -1.68 19.77
C SER A 282 -8.59 -2.58 18.71
N LYS A 283 -8.21 -2.38 17.44
CA LYS A 283 -8.71 -3.26 16.38
C LYS A 283 -8.26 -4.69 16.58
N TYR A 284 -7.08 -4.90 17.15
CA TYR A 284 -6.62 -6.26 17.42
C TYR A 284 -7.43 -6.90 18.56
N LEU A 285 -7.70 -6.14 19.61
CA LEU A 285 -8.43 -6.68 20.76
C LEU A 285 -9.85 -7.06 20.37
N LYS A 286 -10.54 -6.18 19.64
CA LYS A 286 -11.91 -6.46 19.23
C LYS A 286 -11.97 -7.70 18.34
N ALA A 287 -10.89 -8.02 17.64
CA ALA A 287 -10.84 -9.24 16.84
C ALA A 287 -10.68 -10.47 17.72
N VAL A 288 -9.86 -10.38 18.77
CA VAL A 288 -9.67 -11.51 19.67
C VAL A 288 -10.96 -11.81 20.42
N LYS A 289 -11.63 -10.77 20.93
CA LYS A 289 -12.89 -10.97 21.64
C LYS A 289 -13.98 -11.54 20.74
N SER A 290 -13.87 -11.36 19.43
CA SER A 290 -14.82 -11.95 18.51
C SER A 290 -14.71 -13.47 18.54
N ASN A 291 -15.86 -14.15 18.43
CA ASN A 291 -15.93 -15.60 18.49
C ASN A 291 -16.42 -16.12 17.14
N PHE A 292 -15.49 -16.24 16.20
CA PHE A 292 -15.80 -16.86 14.92
C PHE A 292 -16.03 -18.36 15.10
N ASN A 293 -16.72 -18.95 14.13
CA ASN A 293 -16.95 -20.39 14.15
C ASN A 293 -17.00 -20.92 12.72
N VAL A 294 -16.75 -22.23 12.59
CA VAL A 294 -16.72 -22.85 11.28
C VAL A 294 -18.10 -22.75 10.63
N GLY A 295 -18.12 -22.46 9.34
CA GLY A 295 -19.34 -22.28 8.60
C GLY A 295 -19.86 -20.86 8.53
N GLN A 296 -19.29 -19.95 9.31
CA GLN A 296 -19.70 -18.56 9.27
C GLN A 296 -19.29 -17.93 7.95
N ARG A 297 -20.16 -17.07 7.42
CA ARG A 297 -19.88 -16.33 6.20
C ARG A 297 -19.16 -15.04 6.55
N PHE A 298 -18.07 -14.75 5.85
CA PHE A 298 -17.26 -13.57 6.10
C PHE A 298 -17.09 -12.77 4.82
N LYS A 299 -16.65 -11.53 4.98
CA LYS A 299 -16.38 -10.65 3.85
C LYS A 299 -15.06 -9.92 4.08
N MET A 300 -14.44 -9.50 2.99
CA MET A 300 -13.17 -8.79 3.02
C MET A 300 -13.31 -7.45 2.31
N LYS A 301 -12.71 -6.41 2.89
CA LYS A 301 -12.80 -5.06 2.34
C LYS A 301 -12.12 -4.96 0.98
N HIS A 312 -15.07 -9.27 -1.97
CA HIS A 312 -14.86 -10.71 -1.98
C HIS A 312 -15.41 -11.34 -0.72
N THR A 313 -16.08 -12.48 -0.88
CA THR A 313 -16.73 -13.18 0.22
C THR A 313 -16.34 -14.65 0.21
N GLY A 314 -16.53 -15.30 1.35
CA GLY A 314 -16.21 -16.70 1.48
C GLY A 314 -16.82 -17.29 2.73
N THR A 315 -16.31 -18.46 3.11
CA THR A 315 -16.82 -19.21 4.25
C THR A 315 -15.66 -19.71 5.09
N ILE A 316 -15.78 -19.56 6.40
CA ILE A 316 -14.77 -20.06 7.33
C ILE A 316 -14.86 -21.58 7.39
N THR A 317 -13.76 -22.26 7.07
CA THR A 317 -13.72 -23.72 7.12
C THR A 317 -13.04 -24.27 8.36
N GLY A 318 -12.23 -23.46 9.04
CA GLY A 318 -11.54 -23.93 10.24
C GLY A 318 -10.91 -22.78 10.99
N ILE A 319 -10.61 -23.04 12.26
CA ILE A 319 -9.93 -22.09 13.14
C ILE A 319 -8.84 -22.84 13.87
N CYS A 320 -7.58 -22.55 13.53
CA CYS A 320 -6.44 -23.18 14.17
C CYS A 320 -5.22 -22.28 13.97
N ASP A 321 -4.09 -22.71 14.54
CA ASP A 321 -2.87 -21.93 14.43
C ASP A 321 -2.27 -22.06 13.03
N PHE A 322 -1.66 -20.98 12.56
CA PHE A 322 -1.03 -20.98 11.24
C PHE A 322 0.33 -21.65 11.27
N ASP A 323 1.12 -21.40 12.31
CA ASP A 323 2.45 -21.97 12.46
C ASP A 323 2.64 -22.35 13.92
N PRO A 324 2.10 -23.51 14.34
CA PRO A 324 2.19 -23.89 15.76
C PRO A 324 3.58 -24.34 16.19
N ALA A 325 4.53 -24.44 15.27
CA ALA A 325 5.88 -24.86 15.65
C ALA A 325 6.60 -23.74 16.38
N ARG A 326 6.72 -22.58 15.76
CA ARG A 326 7.43 -21.44 16.36
C ARG A 326 6.51 -20.31 16.78
N TRP A 327 5.22 -20.35 16.45
CA TRP A 327 4.25 -19.32 16.83
C TRP A 327 2.99 -19.98 17.35
N PRO A 328 3.04 -20.65 18.50
CA PRO A 328 1.86 -21.31 19.03
C PRO A 328 0.89 -20.30 19.64
N GLY A 329 -0.40 -20.63 19.53
CA GLY A 329 -1.44 -19.77 20.09
C GLY A 329 -1.50 -18.39 19.48
N SER A 330 -1.12 -18.26 18.21
CA SER A 330 -1.08 -16.97 17.53
C SER A 330 -2.35 -16.75 16.73
N GLU A 331 -2.90 -15.54 16.82
CA GLU A 331 -4.07 -15.17 16.03
C GLU A 331 -3.73 -14.85 14.58
N TRP A 332 -2.45 -14.88 14.22
CA TRP A 332 -2.04 -14.51 12.87
C TRP A 332 -2.48 -15.58 11.87
N ARG A 333 -3.25 -15.16 10.87
CA ARG A 333 -3.75 -16.06 9.81
C ARG A 333 -4.40 -17.30 10.39
N SER A 334 -5.07 -17.15 11.53
CA SER A 334 -5.64 -18.27 12.27
C SER A 334 -7.01 -18.69 11.75
N LEU A 335 -7.48 -18.13 10.65
CA LEU A 335 -8.79 -18.43 10.11
C LEU A 335 -8.63 -19.13 8.76
N GLN A 336 -8.94 -20.42 8.73
CA GLN A 336 -8.98 -21.14 7.46
C GLN A 336 -10.29 -20.83 6.74
N VAL A 337 -10.18 -20.36 5.50
CA VAL A 337 -11.32 -19.91 4.73
C VAL A 337 -11.33 -20.57 3.37
N ASN A 338 -12.50 -20.60 2.76
CA ASN A 338 -12.67 -21.03 1.37
C ASN A 338 -13.47 -19.97 0.63
N TRP A 339 -12.88 -19.44 -0.44
CA TRP A 339 -13.53 -18.40 -1.21
C TRP A 339 -14.66 -18.98 -2.06
N ASP A 340 -15.45 -18.08 -2.66
CA ASP A 340 -16.58 -18.49 -3.47
C ASP A 340 -16.27 -18.56 -4.96
N GLU A 341 -15.19 -17.95 -5.41
CA GLU A 341 -14.81 -17.99 -6.82
C GLU A 341 -13.30 -18.18 -6.98
N GLN A 348 -3.79 -16.45 1.15
CA GLN A 348 -5.03 -16.42 0.40
C GLN A 348 -6.11 -17.26 1.08
N GLU A 349 -5.73 -18.45 1.54
CA GLU A 349 -6.64 -19.36 2.22
C GLU A 349 -6.55 -19.25 3.73
N ARG A 350 -5.63 -18.45 4.26
CA ARG A 350 -5.47 -18.26 5.70
C ARG A 350 -5.45 -16.76 5.97
N VAL A 351 -6.42 -16.28 6.75
CA VAL A 351 -6.57 -14.87 7.05
C VAL A 351 -6.70 -14.70 8.56
N SER A 352 -6.55 -13.45 9.00
CA SER A 352 -6.62 -13.11 10.41
C SER A 352 -8.00 -12.55 10.76
N PRO A 353 -8.44 -12.69 12.01
CA PRO A 353 -9.79 -12.24 12.36
C PRO A 353 -10.04 -10.75 12.10
N TRP A 354 -9.01 -9.91 12.22
CA TRP A 354 -9.19 -8.47 12.10
C TRP A 354 -9.27 -7.97 10.67
N GLU A 355 -8.93 -8.80 9.68
CA GLU A 355 -9.04 -8.38 8.28
C GLU A 355 -10.33 -8.85 7.62
N VAL A 356 -11.20 -9.54 8.35
CA VAL A 356 -12.48 -9.99 7.81
C VAL A 356 -13.61 -9.37 8.63
N GLU A 357 -14.81 -9.44 8.05
CA GLU A 357 -16.04 -8.95 8.65
C GLU A 357 -17.14 -9.97 8.31
N PRO A 358 -18.03 -10.26 9.25
CA PRO A 358 -19.09 -11.24 8.98
C PRO A 358 -19.88 -10.88 7.72
N GLY A 359 -20.00 -11.85 6.82
CA GLY A 359 -20.54 -11.61 5.49
C GLY A 359 -22.04 -11.47 5.42
N ASN A 360 -22.59 -10.47 6.11
CA ASN A 360 -24.02 -10.19 6.01
C ASN A 360 -24.34 -8.72 6.26
N SER A 361 -23.37 -7.82 6.10
CA SER A 361 -23.58 -6.40 6.34
C SER A 361 -24.49 -5.80 5.27
CL CL C . 7.08 13.43 1.75
#